data_4USR
#
_entry.id   4USR
#
_cell.length_a   63.560
_cell.length_b   63.560
_cell.length_c   189.820
_cell.angle_alpha   90.00
_cell.angle_beta   90.00
_cell.angle_gamma   120.00
#
_symmetry.space_group_name_H-M   'P 32 2 1'
#
loop_
_entity.id
_entity.type
_entity.pdbx_description
1 polymer MONOOXYGENASE
2 non-polymer 'FLAVIN-ADENINE DINUCLEOTIDE'
3 non-polymer GLYCEROL
4 water water
#
_entity_poly.entity_id   1
_entity_poly.type   'polypeptide(L)'
_entity_poly.pdbx_seq_one_letter_code
;GPAMPPILDVIVIGGGQAALTTAYFLRRTSLSYLLLDEQPGPGGAWLHAWDSLRLFSPAAWSSIAGWPMPSPTEPGNPTR
NDVIDYLRRYEDRYQFPIQRPVRVDTVTRLDDLWRVQAGDQQWLARAVISATGTWSKPFIPPYEGRELFQGAQIHSAHYR
TPAPFAGKRVMVVGGGNSGAQVLAELSSVSETLWITQEPPAFLPDEVDGRVLFERATARWKAQQEGRSIDEPAGGFGDIV
MVPPVREARERGVLVAERPFARFTETGVEWADGRRENLDAVIWCSGFRPALDHLRELGVVEADGKVQVEDTRVVKQPNLW
LVGYGDWTGMASATLIGVTRTARSTADQVVQALTATPSRRP
;
_entity_poly.pdbx_strand_id   A
#
loop_
_chem_comp.id
_chem_comp.type
_chem_comp.name
_chem_comp.formula
FAD non-polymer 'FLAVIN-ADENINE DINUCLEOTIDE' 'C27 H33 N9 O15 P2'
GOL non-polymer GLYCEROL 'C3 H8 O3'
#
# COMPACT_ATOMS: atom_id res chain seq x y z
N GLY A 1 30.87 14.63 -18.56
CA GLY A 1 29.74 13.83 -19.15
C GLY A 1 28.50 14.70 -19.25
N PRO A 2 27.41 14.12 -19.71
CA PRO A 2 26.26 14.95 -20.02
C PRO A 2 25.62 15.42 -18.72
N ALA A 3 25.15 16.65 -18.73
CA ALA A 3 24.34 17.17 -17.62
C ALA A 3 23.02 16.39 -17.54
N MET A 4 22.36 16.48 -16.37
CA MET A 4 21.00 15.99 -16.29
C MET A 4 20.18 16.71 -17.36
N PRO A 5 19.26 16.01 -18.01
CA PRO A 5 18.47 16.69 -19.01
C PRO A 5 17.66 17.81 -18.42
N PRO A 6 17.62 18.96 -19.10
CA PRO A 6 16.78 20.06 -18.59
C PRO A 6 15.33 19.67 -18.51
N ILE A 7 14.83 18.87 -19.45
CA ILE A 7 13.50 18.27 -19.30
C ILE A 7 13.66 16.74 -19.33
N LEU A 8 13.28 16.07 -18.24
CA LEU A 8 13.16 14.60 -18.27
C LEU A 8 11.93 14.14 -18.95
N ASP A 9 11.99 13.02 -19.64
CA ASP A 9 10.71 12.54 -20.22
C ASP A 9 9.73 12.17 -19.07
N VAL A 10 10.26 11.45 -18.10
CA VAL A 10 9.41 10.90 -16.99
C VAL A 10 10.08 11.08 -15.64
N ILE A 11 9.33 11.60 -14.64
CA ILE A 11 9.76 11.46 -13.27
C ILE A 11 8.79 10.50 -12.60
N VAL A 12 9.35 9.54 -11.90
CA VAL A 12 8.59 8.61 -11.04
C VAL A 12 8.83 9.10 -9.59
N ILE A 13 7.74 9.37 -8.88
CA ILE A 13 7.83 9.77 -7.48
C ILE A 13 7.59 8.54 -6.62
N GLY A 14 8.62 8.16 -5.93
CA GLY A 14 8.68 7.01 -5.06
C GLY A 14 9.75 6.04 -5.48
N GLY A 15 10.05 5.12 -4.61
CA GLY A 15 11.14 4.17 -4.78
C GLY A 15 10.89 2.83 -4.11
N GLY A 16 9.61 2.45 -4.00
CA GLY A 16 9.25 1.11 -3.52
C GLY A 16 8.97 0.23 -4.74
N GLN A 17 8.35 -0.90 -4.48
CA GLN A 17 8.05 -1.88 -5.52
C GLN A 17 7.34 -1.30 -6.71
N ALA A 18 6.39 -0.42 -6.52
CA ALA A 18 5.64 0.07 -7.65
C ALA A 18 6.50 0.94 -8.57
N ALA A 19 7.28 1.81 -7.96
CA ALA A 19 8.23 2.64 -8.72
C ALA A 19 9.28 1.76 -9.42
N LEU A 20 9.81 0.77 -8.75
CA LEU A 20 10.80 -0.04 -9.33
C LEU A 20 10.25 -0.81 -10.52
N THR A 21 9.03 -1.33 -10.38
CA THR A 21 8.48 -2.10 -11.49
CA THR A 21 8.44 -2.10 -11.48
C THR A 21 8.18 -1.17 -12.68
N THR A 22 7.83 0.05 -12.34
CA THR A 22 7.58 1.01 -13.42
C THR A 22 8.92 1.32 -14.13
N ALA A 23 9.96 1.47 -13.33
CA ALA A 23 11.34 1.70 -13.81
C ALA A 23 11.79 0.54 -14.70
N TYR A 24 11.43 -0.68 -14.31
CA TYR A 24 11.78 -1.84 -15.15
C TYR A 24 11.22 -1.68 -16.54
N PHE A 25 9.97 -1.29 -16.63
CA PHE A 25 9.42 -1.15 -17.96
C PHE A 25 9.92 0.05 -18.74
N LEU A 26 10.24 1.13 -18.06
CA LEU A 26 10.79 2.29 -18.72
C LEU A 26 12.19 1.98 -19.29
N ARG A 27 12.93 1.07 -18.68
CA ARG A 27 14.24 0.76 -19.22
C ARG A 27 14.26 0.17 -20.60
N ARG A 28 13.19 -0.46 -21.09
CA ARG A 28 13.13 -0.93 -22.48
C ARG A 28 12.68 0.13 -23.47
N THR A 29 12.53 1.38 -22.98
CA THR A 29 12.19 2.49 -23.84
C THR A 29 13.41 3.36 -24.00
N SER A 30 13.33 4.36 -24.86
CA SER A 30 14.46 5.33 -25.00
C SER A 30 14.20 6.55 -24.12
N LEU A 31 13.17 6.54 -23.29
CA LEU A 31 12.80 7.76 -22.57
C LEU A 31 13.79 8.00 -21.46
N SER A 32 14.14 9.27 -21.23
CA SER A 32 14.91 9.60 -20.06
C SER A 32 13.98 9.62 -18.82
N TYR A 33 14.52 9.18 -17.72
CA TYR A 33 13.69 9.08 -16.48
C TYR A 33 14.51 9.12 -15.22
N LEU A 34 13.82 9.40 -14.10
CA LEU A 34 14.44 9.57 -12.84
C LEU A 34 13.41 9.18 -11.72
N LEU A 35 13.85 8.35 -10.78
CA LEU A 35 13.04 8.05 -9.58
C LEU A 35 13.53 8.89 -8.40
N LEU A 36 12.59 9.49 -7.68
CA LEU A 36 12.86 10.29 -6.47
C LEU A 36 12.16 9.62 -5.29
N ASP A 37 12.93 9.15 -4.32
CA ASP A 37 12.38 8.45 -3.14
C ASP A 37 12.89 9.09 -1.86
N GLU A 38 11.97 9.33 -0.93
CA GLU A 38 12.22 10.13 0.29
C GLU A 38 13.08 9.41 1.35
N GLN A 39 13.21 8.08 1.29
CA GLN A 39 13.88 7.37 2.33
C GLN A 39 15.42 7.30 2.04
N PRO A 40 16.22 6.96 3.05
CA PRO A 40 17.70 6.88 2.85
C PRO A 40 18.15 5.70 2.03
N GLY A 41 17.33 4.67 1.93
CA GLY A 41 17.73 3.48 1.21
C GLY A 41 16.55 2.70 0.75
N PRO A 42 16.82 1.60 0.04
CA PRO A 42 15.75 0.74 -0.56
C PRO A 42 14.83 0.08 0.48
N GLY A 43 13.66 -0.28 0.02
CA GLY A 43 12.75 -1.09 0.80
C GLY A 43 11.32 -0.60 0.88
N GLY A 44 11.07 0.63 0.46
CA GLY A 44 9.73 1.18 0.50
C GLY A 44 9.10 1.06 1.87
N ALA A 45 7.79 0.82 1.94
CA ALA A 45 7.10 0.78 3.24
C ALA A 45 7.40 -0.47 4.04
N TRP A 46 8.05 -1.45 3.43
CA TRP A 46 8.44 -2.67 4.12
C TRP A 46 9.43 -2.31 5.30
N LEU A 47 10.18 -1.20 5.14
CA LEU A 47 11.05 -0.70 6.20
C LEU A 47 10.25 -0.44 7.48
N HIS A 48 8.93 -0.16 7.36
CA HIS A 48 8.13 0.17 8.52
C HIS A 48 7.18 -0.90 8.99
N ALA A 49 7.28 -2.09 8.40
CA ALA A 49 6.40 -3.17 8.75
C ALA A 49 6.83 -3.67 10.15
N TRP A 50 5.90 -4.31 10.85
CA TRP A 50 6.21 -4.85 12.15
C TRP A 50 7.17 -6.03 12.06
N ASP A 51 7.85 -6.29 13.18
CA ASP A 51 9.03 -7.14 13.18
C ASP A 51 8.77 -8.57 12.65
N SER A 52 7.65 -9.15 13.05
CA SER A 52 7.33 -10.54 12.70
C SER A 52 6.67 -10.70 11.33
N LEU A 53 6.40 -9.62 10.65
CA LEU A 53 5.58 -9.70 9.43
C LEU A 53 6.18 -10.61 8.40
N ARG A 54 5.32 -11.45 7.84
CA ARG A 54 5.68 -12.24 6.65
C ARG A 54 4.56 -12.07 5.62
N LEU A 55 4.89 -12.29 4.37
CA LEU A 55 3.95 -12.23 3.27
C LEU A 55 2.89 -13.34 3.39
N PHE A 56 1.79 -13.13 2.69
CA PHE A 56 0.69 -14.14 2.70
C PHE A 56 0.70 -15.11 1.50
N SER A 57 1.78 -15.11 0.71
CA SER A 57 2.04 -16.09 -0.34
C SER A 57 3.51 -16.35 -0.44
N PRO A 58 3.90 -17.42 -1.12
CA PRO A 58 5.31 -17.65 -1.32
C PRO A 58 6.03 -16.64 -2.19
N ALA A 59 7.34 -16.77 -2.18
CA ALA A 59 8.21 -15.92 -3.02
C ALA A 59 7.78 -15.84 -4.49
N ALA A 60 7.50 -16.98 -5.12
CA ALA A 60 7.12 -16.99 -6.48
C ALA A 60 5.87 -16.22 -6.72
N TRP A 61 5.04 -16.10 -5.70
CA TRP A 61 3.73 -15.39 -5.82
C TRP A 61 3.82 -13.95 -5.24
N SER A 62 5.07 -13.50 -5.08
CA SER A 62 5.34 -12.21 -4.39
C SER A 62 6.50 -11.53 -5.15
N SER A 63 6.56 -11.82 -6.44
CA SER A 63 7.61 -11.32 -7.34
C SER A 63 7.08 -10.20 -8.22
N ILE A 64 7.92 -9.18 -8.41
CA ILE A 64 7.60 -8.12 -9.37
C ILE A 64 8.24 -8.52 -10.72
N ALA A 65 8.07 -7.70 -11.74
CA ALA A 65 8.49 -8.05 -13.12
C ALA A 65 9.98 -8.29 -13.20
N GLY A 66 10.33 -9.25 -14.01
CA GLY A 66 11.71 -9.51 -14.22
C GLY A 66 12.30 -10.46 -13.23
N TRP A 67 13.30 -10.02 -12.53
CA TRP A 67 14.01 -10.87 -11.59
C TRP A 67 13.09 -11.24 -10.43
N PRO A 68 12.89 -12.53 -10.20
CA PRO A 68 11.99 -12.92 -9.13
C PRO A 68 12.62 -12.97 -7.76
N MET A 69 11.74 -12.88 -6.75
CA MET A 69 12.14 -12.94 -5.38
C MET A 69 12.82 -14.28 -5.09
N PRO A 70 14.06 -14.24 -4.53
CA PRO A 70 14.75 -15.47 -4.06
C PRO A 70 13.86 -16.28 -3.11
N SER A 71 13.81 -17.60 -3.24
CA SER A 71 13.13 -18.45 -2.27
C SER A 71 13.85 -18.37 -0.95
N PRO A 72 13.12 -18.14 0.16
CA PRO A 72 13.80 -18.20 1.45
C PRO A 72 14.35 -19.60 1.65
N THR A 73 15.44 -19.70 2.38
CA THR A 73 16.00 -21.01 2.74
C THR A 73 15.45 -21.54 4.09
N GLU A 74 14.88 -20.66 4.89
CA GLU A 74 14.16 -21.06 6.12
C GLU A 74 12.66 -21.31 5.79
N PRO A 75 11.99 -22.19 6.57
CA PRO A 75 10.60 -22.44 6.18
C PRO A 75 9.68 -21.22 6.40
N GLY A 76 8.57 -21.16 5.72
CA GLY A 76 7.64 -20.00 5.82
C GLY A 76 7.79 -19.01 4.67
N ASN A 77 6.76 -18.17 4.51
CA ASN A 77 6.68 -17.21 3.43
C ASN A 77 7.75 -16.16 3.68
N PRO A 78 8.15 -15.37 2.66
CA PRO A 78 9.17 -14.31 2.84
C PRO A 78 8.85 -13.37 4.00
N THR A 79 9.88 -12.98 4.75
CA THR A 79 9.76 -12.04 5.84
C THR A 79 9.84 -10.65 5.32
N ARG A 80 9.49 -9.69 6.17
CA ARG A 80 9.74 -8.28 5.89
C ARG A 80 11.18 -8.05 5.37
N ASN A 81 12.17 -8.59 6.08
CA ASN A 81 13.58 -8.41 5.70
C ASN A 81 13.94 -9.03 4.35
N ASP A 82 13.30 -10.16 4.03
CA ASP A 82 13.38 -10.77 2.71
C ASP A 82 12.91 -9.84 1.63
N VAL A 83 11.80 -9.14 1.86
CA VAL A 83 11.29 -8.21 0.85
C VAL A 83 12.22 -7.01 0.66
N ILE A 84 12.63 -6.46 1.76
CA ILE A 84 13.62 -5.35 1.70
C ILE A 84 14.85 -5.75 0.90
N ASP A 85 15.37 -6.93 1.16
CA ASP A 85 16.56 -7.39 0.49
C ASP A 85 16.33 -7.63 -0.97
N TYR A 86 15.18 -8.21 -1.29
CA TYR A 86 14.74 -8.34 -2.66
C TYR A 86 14.74 -7.02 -3.37
N LEU A 87 14.09 -6.02 -2.80
CA LEU A 87 14.02 -4.77 -3.50
C LEU A 87 15.44 -4.14 -3.67
N ARG A 88 16.25 -4.24 -2.61
CA ARG A 88 17.63 -3.72 -2.63
C ARG A 88 18.42 -4.40 -3.79
N ARG A 89 18.33 -5.70 -3.83
CA ARG A 89 19.02 -6.45 -4.90
C ARG A 89 18.48 -6.24 -6.29
N TYR A 90 17.19 -6.00 -6.39
CA TYR A 90 16.57 -5.66 -7.65
C TYR A 90 17.10 -4.31 -8.18
N GLU A 91 17.16 -3.30 -7.30
CA GLU A 91 17.75 -2.04 -7.71
C GLU A 91 19.22 -2.25 -8.12
N ASP A 92 19.95 -3.07 -7.40
CA ASP A 92 21.37 -3.27 -7.75
C ASP A 92 21.49 -3.94 -9.11
N ARG A 93 20.55 -4.83 -9.44
CA ARG A 93 20.56 -5.56 -10.68
C ARG A 93 20.37 -4.66 -11.86
N TYR A 94 19.44 -3.74 -11.76
CA TYR A 94 19.10 -2.94 -12.90
C TYR A 94 19.74 -1.53 -12.98
N GLN A 95 20.35 -1.05 -11.92
CA GLN A 95 21.01 0.27 -11.78
C GLN A 95 20.10 1.31 -12.30
N PHE A 96 18.92 1.38 -11.75
CA PHE A 96 17.98 2.44 -12.12
C PHE A 96 18.49 3.86 -11.68
N PRO A 97 18.04 4.92 -12.36
CA PRO A 97 18.40 6.28 -11.93
C PRO A 97 17.49 6.65 -10.73
N ILE A 98 17.99 6.54 -9.53
CA ILE A 98 17.18 6.82 -8.34
C ILE A 98 17.96 7.83 -7.49
N GLN A 99 17.29 8.88 -7.05
CA GLN A 99 17.89 9.79 -6.10
C GLN A 99 17.20 9.72 -4.79
N ARG A 100 18.00 9.52 -3.73
CA ARG A 100 17.59 9.52 -2.35
C ARG A 100 18.56 10.34 -1.50
N PRO A 101 18.10 10.93 -0.41
CA PRO A 101 16.68 10.97 0.02
C PRO A 101 16.06 12.23 -0.55
N VAL A 102 14.96 12.16 -1.30
CA VAL A 102 14.38 13.30 -1.95
C VAL A 102 12.87 13.20 -1.69
N ARG A 103 12.33 14.15 -0.93
CA ARG A 103 10.91 14.17 -0.58
C ARG A 103 10.25 15.18 -1.50
N VAL A 104 9.47 14.72 -2.47
CA VAL A 104 8.71 15.66 -3.32
C VAL A 104 7.60 16.33 -2.53
N ASP A 105 7.65 17.67 -2.50
CA ASP A 105 6.62 18.50 -1.89
C ASP A 105 5.40 18.79 -2.76
N THR A 106 5.61 19.11 -4.02
CA THR A 106 4.56 19.42 -4.95
CA THR A 106 4.56 19.43 -4.90
C THR A 106 4.96 19.21 -6.36
N VAL A 107 3.94 19.24 -7.18
CA VAL A 107 3.98 19.13 -8.61
C VAL A 107 3.13 20.25 -9.19
N THR A 108 3.76 21.02 -9.99
CA THR A 108 3.20 22.22 -10.64
CA THR A 108 3.06 22.18 -10.66
C THR A 108 3.17 22.18 -12.33
N ARG A 109 1.98 22.46 -12.80
CA ARG A 109 1.85 22.40 -14.25
CA ARG A 109 1.84 22.42 -14.24
C ARG A 109 2.24 23.76 -14.78
N LEU A 110 3.28 23.79 -15.56
CA LEU A 110 3.78 25.11 -15.93
C LEU A 110 4.26 24.94 -17.33
N ASP A 111 3.73 25.83 -18.22
CA ASP A 111 3.99 25.75 -19.63
C ASP A 111 3.57 24.19 -19.69
N ASP A 112 3.63 23.46 -20.76
CA ASP A 112 2.96 22.13 -20.77
C ASP A 112 3.94 21.00 -20.28
N LEU A 113 4.47 21.25 -19.12
CA LEU A 113 5.46 20.39 -18.53
C LEU A 113 5.03 20.33 -17.09
N TRP A 114 5.64 19.40 -16.37
CA TRP A 114 5.42 19.27 -14.96
C TRP A 114 6.66 19.73 -14.25
N ARG A 115 6.50 20.59 -13.26
CA ARG A 115 7.61 20.94 -12.40
C ARG A 115 7.48 20.19 -11.09
N VAL A 116 8.47 19.36 -10.79
CA VAL A 116 8.48 18.50 -9.58
C VAL A 116 9.47 19.13 -8.60
N GLN A 117 9.01 19.41 -7.37
CA GLN A 117 9.76 20.26 -6.42
CA GLN A 117 9.83 20.19 -6.46
C GLN A 117 9.99 19.50 -5.12
N ALA A 118 11.25 19.40 -4.70
CA ALA A 118 11.61 18.85 -3.42
C ALA A 118 12.46 19.91 -2.72
N GLY A 119 11.80 20.80 -1.96
CA GLY A 119 12.51 21.93 -1.35
C GLY A 119 13.08 22.83 -2.40
N ASP A 120 14.39 22.91 -2.32
CA ASP A 120 15.33 23.57 -3.20
C ASP A 120 15.56 22.97 -4.59
N GLN A 121 15.33 21.68 -4.67
CA GLN A 121 15.62 20.95 -5.89
C GLN A 121 14.35 20.87 -6.71
N GLN A 122 14.44 21.22 -7.98
CA GLN A 122 13.30 21.11 -8.88
C GLN A 122 13.72 20.48 -10.17
N TRP A 123 12.81 19.75 -10.75
CA TRP A 123 13.02 19.15 -12.06
C TRP A 123 11.83 19.39 -12.96
N LEU A 124 12.04 19.38 -14.30
CA LEU A 124 10.95 19.45 -15.21
C LEU A 124 10.83 18.10 -15.90
N ALA A 125 9.60 17.69 -16.13
CA ALA A 125 9.30 16.41 -16.84
C ALA A 125 8.09 16.54 -17.74
N ARG A 126 8.07 15.71 -18.81
CA ARG A 126 6.96 15.69 -19.69
C ARG A 126 5.84 14.84 -19.09
N ALA A 127 6.19 13.86 -18.25
CA ALA A 127 5.20 12.97 -17.65
C ALA A 127 5.61 12.72 -16.21
N VAL A 128 4.64 12.55 -15.31
CA VAL A 128 4.97 12.21 -13.94
C VAL A 128 4.12 11.01 -13.52
N ILE A 129 4.81 10.01 -13.01
CA ILE A 129 4.15 8.80 -12.48
C ILE A 129 4.33 8.80 -10.97
N SER A 130 3.23 8.82 -10.22
CA SER A 130 3.30 8.80 -8.77
CA SER A 130 3.29 8.81 -8.77
C SER A 130 3.14 7.36 -8.33
N ALA A 131 4.10 6.88 -7.52
CA ALA A 131 4.08 5.55 -6.95
C ALA A 131 4.58 5.59 -5.52
N THR A 132 3.82 6.37 -4.75
CA THR A 132 4.22 6.70 -3.38
C THR A 132 3.56 5.88 -2.26
N GLY A 133 2.74 4.87 -2.65
CA GLY A 133 2.19 4.02 -1.67
C GLY A 133 1.14 4.71 -0.75
N THR A 134 0.94 4.07 0.40
CA THR A 134 -0.09 4.40 1.33
C THR A 134 0.35 4.53 2.78
N TRP A 135 1.51 3.95 3.15
CA TRP A 135 1.88 3.84 4.54
C TRP A 135 1.93 5.20 5.21
N SER A 136 2.34 6.24 4.48
CA SER A 136 2.52 7.53 5.17
CA SER A 136 2.46 7.64 4.96
C SER A 136 1.17 8.24 5.48
N LYS A 137 0.06 7.68 5.07
CA LYS A 137 -1.26 8.26 5.39
C LYS A 137 -2.19 7.24 6.10
N PRO A 138 -1.88 6.93 7.35
CA PRO A 138 -2.77 6.02 8.09
C PRO A 138 -4.12 6.64 8.27
N PHE A 139 -5.14 5.81 8.20
CA PHE A 139 -6.50 6.25 8.32
C PHE A 139 -7.11 5.65 9.62
N ILE A 140 -7.75 6.51 10.39
CA ILE A 140 -8.58 6.10 11.54
C ILE A 140 -9.99 6.64 11.34
N PRO A 141 -11.04 5.78 11.40
CA PRO A 141 -12.43 6.26 11.19
C PRO A 141 -12.87 7.27 12.26
N PRO A 142 -13.79 8.17 11.89
CA PRO A 142 -14.15 9.25 12.74
C PRO A 142 -15.15 8.80 13.84
N TYR A 143 -14.74 7.98 14.77
CA TYR A 143 -15.60 7.62 15.93
C TYR A 143 -15.74 8.76 17.00
N GLU A 144 -16.95 8.99 17.53
CA GLU A 144 -17.11 9.96 18.65
C GLU A 144 -16.23 9.63 19.86
N GLY A 145 -15.71 10.66 20.53
CA GLY A 145 -15.01 10.56 21.79
C GLY A 145 -13.62 10.03 21.85
N ARG A 146 -12.94 9.82 20.71
CA ARG A 146 -11.52 9.38 20.75
C ARG A 146 -10.57 10.20 21.53
N GLU A 147 -10.77 11.53 21.42
CA GLU A 147 -9.98 12.46 22.20
C GLU A 147 -10.05 12.25 23.73
N LEU A 148 -11.20 11.70 24.21
CA LEU A 148 -11.45 11.41 25.67
C LEU A 148 -10.70 10.18 26.17
N PHE A 149 -10.47 9.19 25.28
CA PHE A 149 -9.83 7.97 25.71
C PHE A 149 -8.46 8.17 26.32
N GLN A 150 -8.24 7.54 27.48
CA GLN A 150 -7.03 7.71 28.25
C GLN A 150 -6.09 6.55 28.06
N GLY A 151 -6.48 5.51 27.32
CA GLY A 151 -5.55 4.42 27.10
C GLY A 151 -4.72 4.76 25.86
N ALA A 152 -3.98 3.80 25.41
CA ALA A 152 -3.05 3.99 24.31
C ALA A 152 -3.82 3.86 22.99
N GLN A 153 -3.56 4.75 22.03
CA GLN A 153 -4.01 4.54 20.67
C GLN A 153 -2.83 4.51 19.71
N ILE A 154 -2.79 3.48 18.87
CA ILE A 154 -1.77 3.42 17.83
C ILE A 154 -2.32 2.83 16.58
N HIS A 155 -1.86 3.31 15.40
CA HIS A 155 -2.22 2.64 14.16
C HIS A 155 -1.25 1.51 13.86
N SER A 156 -1.68 0.53 13.04
CA SER A 156 -0.79 -0.55 12.66
C SER A 156 0.46 -0.04 11.96
N ALA A 157 0.38 1.14 11.34
CA ALA A 157 1.51 1.77 10.63
C ALA A 157 2.69 1.87 11.61
N HIS A 158 2.35 2.12 12.89
CA HIS A 158 3.35 2.40 13.92
C HIS A 158 3.60 1.23 14.81
N TYR A 159 2.95 0.09 14.56
CA TYR A 159 3.16 -1.08 15.39
C TYR A 159 4.44 -1.81 14.99
N ARG A 160 5.20 -2.30 15.98
CA ARG A 160 6.40 -3.10 15.70
C ARG A 160 6.47 -4.39 16.48
N THR A 161 6.21 -4.35 17.78
CA THR A 161 6.33 -5.50 18.64
C THR A 161 5.18 -5.44 19.69
N PRO A 162 4.79 -6.58 20.18
CA PRO A 162 3.71 -6.70 21.14
C PRO A 162 4.12 -6.42 22.63
N ALA A 163 5.41 -6.45 22.91
CA ALA A 163 5.91 -6.11 24.27
C ALA A 163 5.21 -5.07 25.05
N PRO A 164 5.13 -3.81 24.58
CA PRO A 164 4.53 -2.87 25.48
C PRO A 164 3.09 -3.07 25.80
N PHE A 165 2.44 -4.03 25.11
CA PHE A 165 1.00 -4.28 25.31
C PHE A 165 0.79 -5.46 26.25
N ALA A 166 1.83 -6.11 26.69
CA ALA A 166 1.65 -7.36 27.39
C ALA A 166 0.93 -7.14 28.72
N GLY A 167 -0.02 -8.01 29.00
CA GLY A 167 -0.75 -7.96 30.21
C GLY A 167 -1.85 -6.99 30.21
N LYS A 168 -2.11 -6.35 29.05
CA LYS A 168 -3.16 -5.41 28.98
C LYS A 168 -4.39 -5.98 28.27
N ARG A 169 -5.44 -5.19 28.30
CA ARG A 169 -6.64 -5.45 27.56
C ARG A 169 -6.57 -4.55 26.31
N VAL A 170 -6.51 -5.18 25.13
CA VAL A 170 -6.28 -4.47 23.90
C VAL A 170 -7.39 -4.73 22.87
N MET A 171 -7.88 -3.69 22.24
CA MET A 171 -8.82 -3.84 21.15
C MET A 171 -8.09 -3.60 19.81
N VAL A 172 -8.27 -4.51 18.86
CA VAL A 172 -7.80 -4.35 17.48
C VAL A 172 -9.03 -3.98 16.65
N VAL A 173 -8.96 -2.82 15.97
CA VAL A 173 -10.06 -2.36 15.12
C VAL A 173 -9.68 -2.53 13.66
N GLY A 174 -10.43 -3.35 12.94
CA GLY A 174 -10.11 -3.58 11.51
C GLY A 174 -9.89 -5.03 11.29
N GLY A 175 -10.45 -5.47 10.17
CA GLY A 175 -10.30 -6.82 9.68
C GLY A 175 -9.17 -6.92 8.63
N GLY A 176 -9.42 -7.79 7.72
CA GLY A 176 -8.43 -8.10 6.75
C GLY A 176 -7.26 -8.81 7.32
N ASN A 177 -6.29 -9.03 6.45
CA ASN A 177 -5.11 -9.73 6.81
C ASN A 177 -4.32 -9.03 7.92
N SER A 178 -4.29 -7.70 7.87
CA SER A 178 -3.49 -6.98 8.86
C SER A 178 -4.10 -7.07 10.25
N GLY A 179 -5.40 -6.85 10.33
CA GLY A 179 -6.10 -6.97 11.60
C GLY A 179 -5.91 -8.36 12.19
N ALA A 180 -6.07 -9.40 11.35
CA ALA A 180 -6.04 -10.74 11.85
C ALA A 180 -4.61 -11.04 12.38
N GLN A 181 -3.59 -10.59 11.65
CA GLN A 181 -2.22 -10.87 12.04
C GLN A 181 -1.84 -10.13 13.31
N VAL A 182 -2.19 -8.84 13.38
CA VAL A 182 -1.90 -8.02 14.57
C VAL A 182 -2.64 -8.62 15.75
N LEU A 183 -3.92 -8.96 15.56
CA LEU A 183 -4.71 -9.57 16.65
C LEU A 183 -4.07 -10.85 17.13
N ALA A 184 -3.71 -11.74 16.19
CA ALA A 184 -3.08 -13.00 16.53
C ALA A 184 -1.84 -12.74 17.39
N GLU A 185 -1.00 -11.82 16.97
CA GLU A 185 0.23 -11.56 17.74
C GLU A 185 -0.09 -10.92 19.13
N LEU A 186 -0.96 -9.94 19.20
CA LEU A 186 -1.31 -9.33 20.46
C LEU A 186 -1.92 -10.36 21.46
N SER A 187 -2.71 -11.31 20.95
CA SER A 187 -3.43 -12.24 21.77
CA SER A 187 -3.42 -12.17 21.86
C SER A 187 -2.49 -13.21 22.51
N SER A 188 -1.23 -13.34 22.04
CA SER A 188 -0.24 -14.19 22.64
C SER A 188 0.27 -13.55 23.95
N VAL A 189 0.02 -12.25 24.17
CA VAL A 189 0.51 -11.54 25.38
C VAL A 189 -0.52 -10.71 26.11
N SER A 190 -1.70 -10.57 25.57
CA SER A 190 -2.67 -9.62 26.10
C SER A 190 -4.10 -10.21 25.91
N GLU A 191 -5.06 -9.64 26.60
CA GLU A 191 -6.43 -10.08 26.50
C GLU A 191 -7.06 -9.22 25.40
N THR A 192 -7.57 -9.85 24.36
CA THR A 192 -7.97 -9.11 23.18
C THR A 192 -9.48 -9.09 22.87
N LEU A 193 -9.86 -7.99 22.20
CA LEU A 193 -11.16 -7.79 21.53
C LEU A 193 -10.88 -7.34 20.09
N TRP A 194 -11.67 -7.87 19.14
CA TRP A 194 -11.51 -7.55 17.71
C TRP A 194 -12.82 -6.96 17.23
N ILE A 195 -12.74 -5.77 16.64
CA ILE A 195 -13.85 -5.07 16.05
C ILE A 195 -13.69 -5.03 14.53
N THR A 196 -14.71 -5.48 13.79
CA THR A 196 -14.67 -5.43 12.33
C THR A 196 -15.99 -4.92 11.83
N GLN A 197 -15.94 -4.23 10.71
CA GLN A 197 -17.16 -3.67 10.07
C GLN A 197 -18.17 -4.77 9.66
N GLU A 198 -17.66 -5.89 9.16
CA GLU A 198 -18.47 -7.06 8.75
C GLU A 198 -17.83 -8.28 9.36
N PRO A 199 -18.56 -9.38 9.47
CA PRO A 199 -17.98 -10.60 10.01
C PRO A 199 -16.78 -10.99 9.16
N PRO A 200 -15.68 -11.36 9.81
CA PRO A 200 -14.49 -11.63 9.04
C PRO A 200 -14.67 -12.91 8.21
N ALA A 201 -14.06 -12.96 7.06
CA ALA A 201 -14.09 -14.13 6.18
C ALA A 201 -12.69 -14.68 5.99
N PHE A 202 -12.52 -15.99 6.21
CA PHE A 202 -11.26 -16.66 6.16
C PHE A 202 -11.21 -17.61 4.96
N LEU A 203 -10.07 -17.66 4.32
CA LEU A 203 -9.83 -18.64 3.24
C LEU A 203 -9.54 -19.96 3.88
N PRO A 204 -9.64 -21.07 3.12
CA PRO A 204 -9.38 -22.37 3.77
C PRO A 204 -7.92 -22.46 4.15
N ASP A 205 -7.65 -23.37 5.06
CA ASP A 205 -6.32 -23.48 5.59
C ASP A 205 -5.24 -23.83 4.56
N GLU A 206 -5.62 -24.54 3.51
CA GLU A 206 -4.62 -25.08 2.60
C GLU A 206 -4.31 -24.11 1.42
N VAL A 207 -4.75 -22.85 1.47
CA VAL A 207 -4.54 -22.00 0.32
C VAL A 207 -3.81 -20.74 0.78
N ASP A 208 -3.33 -19.98 -0.19
CA ASP A 208 -2.58 -18.74 0.17
C ASP A 208 -3.07 -17.57 -0.64
N GLY A 209 -2.41 -16.41 -0.52
CA GLY A 209 -2.84 -15.23 -1.22
C GLY A 209 -2.87 -15.25 -2.73
N ARG A 210 -2.34 -16.32 -3.35
CA ARG A 210 -2.63 -16.50 -4.76
C ARG A 210 -4.12 -16.58 -5.14
N VAL A 211 -4.94 -17.01 -4.19
CA VAL A 211 -6.37 -17.05 -4.40
C VAL A 211 -6.92 -15.62 -4.54
N LEU A 212 -6.37 -14.69 -3.74
CA LEU A 212 -6.85 -13.29 -3.80
C LEU A 212 -6.42 -12.66 -5.15
N PHE A 213 -5.24 -13.05 -5.63
CA PHE A 213 -4.78 -12.53 -6.90
C PHE A 213 -5.66 -13.06 -8.02
N GLU A 214 -6.03 -14.34 -7.96
CA GLU A 214 -6.93 -14.91 -8.97
C GLU A 214 -8.23 -14.18 -9.04
N ARG A 215 -8.82 -13.93 -7.89
CA ARG A 215 -10.06 -13.17 -7.79
C ARG A 215 -9.94 -11.75 -8.38
N ALA A 216 -8.83 -11.08 -8.06
CA ALA A 216 -8.52 -9.78 -8.66
C ALA A 216 -8.44 -9.86 -10.17
N THR A 217 -7.69 -10.82 -10.66
CA THR A 217 -7.54 -10.93 -12.08
C THR A 217 -8.84 -11.27 -12.78
N ALA A 218 -9.63 -12.14 -12.14
CA ALA A 218 -10.92 -12.44 -12.73
C ALA A 218 -11.77 -11.18 -12.87
N ARG A 219 -11.71 -10.34 -11.83
CA ARG A 219 -12.47 -9.06 -11.84
C ARG A 219 -11.99 -8.15 -13.00
N TRP A 220 -10.70 -7.92 -13.13
CA TRP A 220 -10.34 -7.02 -14.26
C TRP A 220 -10.59 -7.60 -15.64
N LYS A 221 -10.52 -8.89 -15.77
CA LYS A 221 -10.87 -9.52 -17.07
C LYS A 221 -12.35 -9.39 -17.37
N ALA A 222 -13.20 -9.59 -16.37
CA ALA A 222 -14.63 -9.31 -16.54
C ALA A 222 -14.86 -7.80 -16.83
N GLN A 223 -14.15 -6.88 -16.15
CA GLN A 223 -14.27 -5.41 -16.39
C GLN A 223 -13.82 -5.01 -17.80
N GLN A 224 -13.96 -5.88 -18.80
CA GLN A 224 -13.10 -5.83 -19.99
C GLN A 224 -13.40 -6.97 -20.99
N GLU A 225 -14.25 -7.92 -20.64
CA GLU A 225 -14.99 -8.70 -21.64
C GLU A 225 -16.48 -8.29 -21.46
N GLY A 226 -17.42 -9.22 -21.64
CA GLY A 226 -18.76 -9.07 -21.03
C GLY A 226 -18.73 -8.80 -19.52
N ARG A 227 -18.69 -7.52 -19.16
CA ARG A 227 -18.47 -7.09 -17.77
C ARG A 227 -19.68 -7.34 -16.89
N SER A 228 -19.57 -8.22 -15.89
CA SER A 228 -20.69 -8.43 -14.93
C SER A 228 -20.21 -9.00 -13.56
N ILE A 229 -20.96 -9.89 -12.91
CA ILE A 229 -20.54 -10.51 -11.60
C ILE A 229 -20.46 -9.52 -10.40
N ASP A 230 -21.65 -9.19 -9.87
CA ASP A 230 -21.85 -8.62 -8.55
C ASP A 230 -22.00 -9.77 -7.53
N GLU A 231 -22.33 -10.98 -8.01
CA GLU A 231 -22.69 -12.13 -7.14
C GLU A 231 -21.88 -13.32 -7.64
N PRO A 232 -20.96 -13.91 -6.83
CA PRO A 232 -20.63 -13.42 -5.47
C PRO A 232 -19.76 -12.17 -5.52
N ALA A 233 -19.78 -11.38 -4.45
CA ALA A 233 -18.76 -10.40 -4.16
C ALA A 233 -17.34 -10.96 -4.35
N GLY A 234 -16.39 -10.04 -4.43
CA GLY A 234 -15.04 -10.38 -4.65
C GLY A 234 -14.39 -11.08 -3.51
N GLY A 235 -14.74 -10.70 -2.27
CA GLY A 235 -14.02 -11.20 -1.10
C GLY A 235 -12.53 -10.88 -1.24
N PHE A 236 -12.19 -9.66 -1.73
CA PHE A 236 -10.82 -9.36 -2.16
C PHE A 236 -9.82 -9.25 -1.03
N GLY A 237 -10.32 -9.04 0.18
CA GLY A 237 -9.55 -9.04 1.45
C GLY A 237 -10.05 -10.08 2.48
N ASP A 238 -10.39 -11.26 1.95
CA ASP A 238 -10.54 -12.41 2.81
C ASP A 238 -9.18 -12.74 3.39
N ILE A 239 -9.21 -13.37 4.55
CA ILE A 239 -8.02 -13.58 5.37
C ILE A 239 -7.30 -14.86 5.08
N VAL A 240 -6.02 -14.74 4.82
CA VAL A 240 -5.16 -15.92 4.57
C VAL A 240 -4.72 -16.55 5.89
N MET A 241 -4.79 -17.89 6.00
CA MET A 241 -4.50 -18.59 7.25
C MET A 241 -3.00 -18.84 7.41
N VAL A 242 -2.27 -17.74 7.52
CA VAL A 242 -0.83 -17.80 7.76
C VAL A 242 -0.62 -18.41 9.16
N PRO A 243 0.56 -18.95 9.47
CA PRO A 243 0.78 -19.71 10.71
C PRO A 243 0.31 -19.01 11.99
N PRO A 244 0.63 -17.74 12.19
CA PRO A 244 0.13 -17.18 13.47
C PRO A 244 -1.35 -17.04 13.55
N VAL A 245 -1.97 -16.82 12.41
CA VAL A 245 -3.44 -16.69 12.38
C VAL A 245 -4.09 -18.10 12.59
N ARG A 246 -3.53 -19.13 11.99
CA ARG A 246 -4.04 -20.52 12.26
C ARG A 246 -3.88 -20.89 13.75
N GLU A 247 -2.76 -20.52 14.38
CA GLU A 247 -2.56 -20.71 15.81
C GLU A 247 -3.54 -19.91 16.66
N ALA A 248 -3.78 -18.66 16.33
CA ALA A 248 -4.78 -17.88 16.99
C ALA A 248 -6.18 -18.53 16.94
N ARG A 249 -6.52 -19.12 15.82
CA ARG A 249 -7.83 -19.68 15.69
C ARG A 249 -8.01 -20.79 16.72
N GLU A 250 -6.96 -21.59 16.97
CA GLU A 250 -7.03 -22.73 17.88
C GLU A 250 -7.21 -22.22 19.29
N ARG A 251 -6.85 -20.96 19.58
CA ARG A 251 -7.00 -20.46 20.90
C ARG A 251 -8.26 -19.66 21.11
N GLY A 252 -9.12 -19.67 20.12
CA GLY A 252 -10.37 -19.01 20.23
C GLY A 252 -10.27 -17.51 19.97
N VAL A 253 -9.15 -17.03 19.42
CA VAL A 253 -8.98 -15.56 19.36
C VAL A 253 -9.70 -14.87 18.25
N LEU A 254 -10.01 -15.63 17.18
CA LEU A 254 -10.56 -15.01 15.96
C LEU A 254 -12.09 -14.84 15.99
N VAL A 255 -12.57 -14.01 16.91
CA VAL A 255 -13.96 -13.71 17.00
C VAL A 255 -14.06 -12.19 17.07
N ALA A 256 -15.03 -11.66 16.36
CA ALA A 256 -15.15 -10.17 16.26
C ALA A 256 -16.48 -9.69 16.60
N GLU A 257 -16.53 -8.43 17.05
CA GLU A 257 -17.76 -7.71 17.21
C GLU A 257 -17.91 -6.69 16.07
N ARG A 258 -19.15 -6.22 15.89
CA ARG A 258 -19.46 -5.11 15.03
C ARG A 258 -19.06 -3.78 15.72
N PRO A 259 -18.96 -2.70 14.94
CA PRO A 259 -18.41 -1.50 15.57
C PRO A 259 -19.19 -0.95 16.77
N PHE A 260 -18.41 -0.43 17.72
CA PHE A 260 -18.93 0.33 18.85
C PHE A 260 -19.45 1.69 18.36
N ALA A 261 -20.09 2.44 19.24
CA ALA A 261 -20.67 3.72 18.91
C ALA A 261 -19.78 4.86 19.27
N ARG A 262 -19.05 4.78 20.39
CA ARG A 262 -18.22 5.86 20.88
C ARG A 262 -17.17 5.40 21.84
N PHE A 263 -16.19 6.26 22.07
CA PHE A 263 -15.23 6.09 23.05
C PHE A 263 -15.70 6.80 24.32
N THR A 264 -15.24 6.28 25.44
CA THR A 264 -15.36 6.96 26.73
C THR A 264 -13.95 7.22 27.19
N GLU A 265 -13.78 7.80 28.40
CA GLU A 265 -12.44 7.88 28.99
C GLU A 265 -11.73 6.53 29.16
N THR A 266 -12.47 5.44 29.40
CA THR A 266 -11.85 4.21 29.84
C THR A 266 -12.01 3.10 28.84
N GLY A 267 -12.74 3.33 27.74
CA GLY A 267 -12.84 2.29 26.71
C GLY A 267 -13.86 2.67 25.71
N VAL A 268 -14.73 1.73 25.34
CA VAL A 268 -15.76 2.02 24.33
C VAL A 268 -17.16 1.57 24.77
N GLU A 269 -18.14 1.99 24.03
CA GLU A 269 -19.54 1.71 24.34
C GLU A 269 -20.29 1.56 23.05
N TRP A 270 -21.20 0.59 23.01
CA TRP A 270 -22.10 0.37 21.90
C TRP A 270 -23.48 0.89 22.17
N ALA A 271 -24.25 1.06 21.10
CA ALA A 271 -25.60 1.59 21.21
C ALA A 271 -26.53 0.63 21.95
N ASP A 272 -26.18 -0.65 21.99
CA ASP A 272 -27.02 -1.69 22.61
C ASP A 272 -26.64 -2.02 24.06
N GLY A 273 -25.83 -1.22 24.71
CA GLY A 273 -25.49 -1.41 26.12
C GLY A 273 -24.13 -2.05 26.39
N ARG A 274 -23.52 -2.66 25.38
CA ARG A 274 -22.16 -3.14 25.51
C ARG A 274 -21.27 -2.00 25.93
N ARG A 275 -20.39 -2.31 26.88
CA ARG A 275 -19.44 -1.35 27.40
C ARG A 275 -18.23 -2.11 27.82
N GLU A 276 -17.08 -1.68 27.31
CA GLU A 276 -15.84 -2.42 27.50
C GLU A 276 -14.73 -1.48 27.84
N ASN A 277 -14.11 -1.70 29.00
CA ASN A 277 -12.88 -0.98 29.29
C ASN A 277 -11.63 -1.53 28.64
N LEU A 278 -10.81 -0.60 28.16
CA LEU A 278 -9.62 -0.95 27.43
C LEU A 278 -8.39 -0.19 27.89
N ASP A 279 -7.24 -0.86 27.83
CA ASP A 279 -5.95 -0.15 28.05
C ASP A 279 -5.34 0.39 26.73
N ALA A 280 -5.70 -0.22 25.59
CA ALA A 280 -5.09 0.17 24.31
C ALA A 280 -5.91 -0.23 23.15
N VAL A 281 -5.83 0.59 22.10
CA VAL A 281 -6.48 0.29 20.84
C VAL A 281 -5.42 0.28 19.77
N ILE A 282 -5.40 -0.77 18.94
CA ILE A 282 -4.54 -0.82 17.75
C ILE A 282 -5.41 -0.67 16.50
N TRP A 283 -5.28 0.44 15.82
CA TRP A 283 -6.16 0.75 14.67
C TRP A 283 -5.58 0.07 13.42
N CYS A 284 -6.21 -1.01 12.95
CA CYS A 284 -5.80 -1.70 11.72
C CYS A 284 -6.84 -1.33 10.67
N SER A 285 -7.14 -0.03 10.62
CA SER A 285 -8.23 0.59 9.86
C SER A 285 -7.82 1.09 8.45
N GLY A 286 -6.64 0.75 8.03
CA GLY A 286 -6.18 1.00 6.66
C GLY A 286 -5.54 2.37 6.48
N PHE A 287 -5.43 2.76 5.21
CA PHE A 287 -4.58 3.88 4.80
C PHE A 287 -5.25 4.59 3.63
N ARG A 288 -4.86 5.83 3.44
CA ARG A 288 -5.20 6.62 2.27
C ARG A 288 -3.97 6.74 1.36
N PRO A 289 -4.20 7.08 0.11
CA PRO A 289 -3.03 7.23 -0.78
C PRO A 289 -2.12 8.40 -0.38
N ALA A 290 -0.80 8.24 -0.53
CA ALA A 290 0.15 9.25 -0.14
C ALA A 290 0.27 10.28 -1.30
N LEU A 291 -0.74 11.13 -1.43
CA LEU A 291 -0.85 12.06 -2.59
C LEU A 291 -0.79 13.53 -2.18
N ASP A 292 -0.12 13.85 -1.07
CA ASP A 292 -0.03 15.22 -0.66
C ASP A 292 0.64 16.10 -1.70
N HIS A 293 1.57 15.56 -2.48
CA HIS A 293 2.26 16.31 -3.49
C HIS A 293 1.38 16.72 -4.68
N LEU A 294 0.17 16.16 -4.77
CA LEU A 294 -0.83 16.53 -5.79
C LEU A 294 -1.95 17.39 -5.28
N ARG A 295 -1.87 17.80 -4.04
CA ARG A 295 -2.98 18.59 -3.52
C ARG A 295 -3.08 19.97 -4.09
N GLU A 296 -1.99 20.56 -4.52
CA GLU A 296 -2.07 21.89 -5.04
C GLU A 296 -2.71 21.88 -6.38
N LEU A 297 -2.59 20.77 -7.08
CA LEU A 297 -3.29 20.66 -8.36
C LEU A 297 -4.76 20.59 -8.19
N GLY A 298 -5.24 20.21 -7.02
CA GLY A 298 -6.64 20.17 -6.75
C GLY A 298 -7.38 18.89 -7.10
N VAL A 299 -6.64 17.86 -7.53
CA VAL A 299 -7.22 16.59 -8.00
C VAL A 299 -7.54 15.58 -6.90
N VAL A 300 -7.17 15.84 -5.65
CA VAL A 300 -7.35 14.87 -4.59
C VAL A 300 -8.71 15.08 -4.00
N GLU A 301 -9.54 14.06 -4.04
CA GLU A 301 -10.92 14.18 -3.61
C GLU A 301 -11.01 13.98 -2.08
N ALA A 302 -12.23 14.09 -1.56
CA ALA A 302 -12.48 14.08 -0.10
C ALA A 302 -12.12 12.70 0.49
N ASP A 303 -12.35 11.70 -0.34
CA ASP A 303 -11.72 10.38 -0.36
C ASP A 303 -10.24 10.17 -0.08
N GLY A 304 -9.49 11.14 -0.50
CA GLY A 304 -8.06 11.03 -0.60
C GLY A 304 -7.65 10.39 -1.92
N LYS A 305 -8.58 9.94 -2.75
CA LYS A 305 -8.24 9.32 -4.02
C LYS A 305 -8.38 10.35 -5.14
N VAL A 306 -8.20 9.93 -6.37
CA VAL A 306 -8.14 10.86 -7.54
C VAL A 306 -8.90 10.14 -8.64
N GLN A 307 -9.64 10.87 -9.50
CA GLN A 307 -10.36 10.22 -10.60
C GLN A 307 -9.36 9.73 -11.65
N VAL A 308 -9.43 8.45 -11.97
CA VAL A 308 -8.48 7.83 -12.88
C VAL A 308 -9.21 6.94 -13.85
N GLU A 309 -8.59 6.65 -14.98
CA GLU A 309 -9.04 5.58 -15.88
C GLU A 309 -7.88 4.66 -15.90
N ASP A 310 -8.04 3.53 -15.25
CA ASP A 310 -6.98 2.57 -14.95
C ASP A 310 -5.93 3.31 -14.05
N THR A 311 -4.76 3.68 -14.60
CA THR A 311 -3.80 4.50 -13.79
C THR A 311 -3.67 5.95 -14.31
N ARG A 312 -4.43 6.33 -15.31
CA ARG A 312 -4.30 7.69 -15.91
C ARG A 312 -5.22 8.68 -15.21
N VAL A 313 -4.65 9.75 -14.70
CA VAL A 313 -5.41 10.77 -14.02
C VAL A 313 -6.29 11.49 -15.07
N VAL A 314 -7.57 11.60 -14.76
CA VAL A 314 -8.57 12.12 -15.68
C VAL A 314 -8.43 13.61 -15.87
N LYS A 315 -8.27 14.38 -14.78
CA LYS A 315 -8.42 15.84 -14.89
C LYS A 315 -7.17 16.56 -15.40
N GLN A 316 -6.08 15.88 -15.43
CA GLN A 316 -4.75 16.39 -15.84
CA GLN A 316 -4.81 16.57 -15.80
C GLN A 316 -3.79 15.65 -16.78
N PRO A 317 -3.11 16.42 -17.60
CA PRO A 317 -2.35 15.76 -18.63
C PRO A 317 -1.07 15.04 -18.22
N ASN A 318 -0.84 13.86 -18.77
CA ASN A 318 0.40 13.12 -18.57
C ASN A 318 0.79 12.89 -17.14
N LEU A 319 -0.23 12.52 -16.34
CA LEU A 319 -0.01 12.09 -14.94
C LEU A 319 -0.65 10.72 -14.77
N TRP A 320 0.12 9.82 -14.16
CA TRP A 320 -0.35 8.47 -13.81
C TRP A 320 -0.09 8.19 -12.36
N LEU A 321 -0.94 7.33 -11.81
CA LEU A 321 -0.86 6.84 -10.43
C LEU A 321 -0.78 5.31 -10.41
N VAL A 322 0.30 4.75 -9.84
CA VAL A 322 0.57 3.31 -9.94
C VAL A 322 0.72 2.70 -8.54
N GLY A 323 -0.08 1.65 -8.29
CA GLY A 323 0.18 0.76 -7.15
C GLY A 323 -0.57 1.03 -5.84
N TYR A 324 -1.50 1.99 -5.85
CA TYR A 324 -2.13 2.50 -4.64
C TYR A 324 -3.15 1.56 -4.04
N GLY A 325 -3.83 0.77 -4.90
CA GLY A 325 -4.98 -0.04 -4.41
C GLY A 325 -5.81 -0.49 -5.57
N ASP A 326 -6.93 -1.15 -5.29
CA ASP A 326 -7.73 -1.65 -6.39
C ASP A 326 -8.21 -0.51 -7.23
N TRP A 327 -8.36 0.65 -6.64
CA TRP A 327 -8.86 1.81 -7.37
C TRP A 327 -7.89 2.28 -8.49
N THR A 328 -6.63 1.86 -8.40
CA THR A 328 -5.69 2.11 -9.50
C THR A 328 -5.40 0.81 -10.28
N GLY A 329 -6.28 -0.17 -10.18
CA GLY A 329 -6.10 -1.46 -10.86
C GLY A 329 -6.16 -2.56 -9.85
N MET A 330 -7.05 -3.55 -10.12
CA MET A 330 -7.20 -4.65 -9.17
C MET A 330 -5.88 -5.29 -8.85
N ALA A 331 -5.62 -5.50 -7.56
CA ALA A 331 -4.36 -6.10 -7.08
C ALA A 331 -3.09 -5.23 -7.29
N SER A 332 -3.24 -3.96 -7.68
CA SER A 332 -2.07 -3.13 -7.98
C SER A 332 -1.23 -2.87 -6.70
N ALA A 333 -1.88 -2.94 -5.52
CA ALA A 333 -1.17 -2.76 -4.23
C ALA A 333 -0.69 -4.10 -3.64
N THR A 334 -0.10 -4.94 -4.51
CA THR A 334 0.57 -6.16 -4.08
C THR A 334 1.83 -6.33 -4.98
N LEU A 335 2.81 -7.13 -4.51
CA LEU A 335 4.00 -7.42 -5.29
C LEU A 335 3.63 -8.09 -6.57
N ILE A 336 2.81 -9.12 -6.49
CA ILE A 336 2.50 -9.83 -7.75
C ILE A 336 1.67 -9.00 -8.71
N GLY A 337 0.78 -8.18 -8.16
CA GLY A 337 -0.24 -7.55 -8.99
C GLY A 337 0.14 -6.20 -9.56
N VAL A 338 1.22 -5.58 -9.06
CA VAL A 338 1.54 -4.22 -9.53
C VAL A 338 2.04 -4.24 -11.00
N THR A 339 2.64 -5.35 -11.36
CA THR A 339 3.29 -5.50 -12.65
C THR A 339 2.34 -5.17 -13.79
N ARG A 340 1.09 -5.66 -13.74
CA ARG A 340 0.17 -5.51 -14.87
C ARG A 340 0.01 -4.02 -15.20
N THR A 341 -0.15 -3.16 -14.17
CA THR A 341 -0.44 -1.75 -14.39
C THR A 341 0.83 -0.94 -14.56
N ALA A 342 1.92 -1.39 -14.00
CA ALA A 342 3.23 -0.76 -14.26
C ALA A 342 3.56 -0.91 -15.76
N ARG A 343 3.34 -2.12 -16.27
CA ARG A 343 3.54 -2.40 -17.72
C ARG A 343 2.68 -1.53 -18.59
N SER A 344 1.38 -1.47 -18.32
CA SER A 344 0.47 -0.70 -19.19
C SER A 344 0.68 0.79 -19.01
N THR A 345 1.04 1.23 -17.81
CA THR A 345 1.44 2.59 -17.64
C THR A 345 2.60 3.05 -18.50
N ALA A 346 3.68 2.30 -18.47
CA ALA A 346 4.81 2.57 -19.32
C ALA A 346 4.38 2.65 -20.80
N ASP A 347 3.49 1.73 -21.24
CA ASP A 347 3.04 1.83 -22.65
C ASP A 347 2.26 3.09 -22.96
N GLN A 348 1.39 3.51 -22.01
CA GLN A 348 0.68 4.75 -22.17
C GLN A 348 1.56 5.97 -22.18
N VAL A 349 2.62 5.98 -21.38
CA VAL A 349 3.59 7.07 -21.38
C VAL A 349 4.32 7.14 -22.72
N VAL A 350 4.71 6.00 -23.22
CA VAL A 350 5.26 5.95 -24.58
C VAL A 350 4.31 6.52 -25.63
N GLN A 351 3.07 6.08 -25.60
CA GLN A 351 2.10 6.57 -26.55
C GLN A 351 1.98 8.07 -26.45
N ALA A 352 2.02 8.63 -25.24
CA ALA A 352 1.89 10.10 -25.12
C ALA A 352 3.12 10.86 -25.56
N LEU A 353 4.30 10.26 -25.43
CA LEU A 353 5.50 11.01 -25.57
C LEU A 353 6.30 10.71 -26.84
N THR A 354 6.16 9.54 -27.43
CA THR A 354 7.15 9.19 -28.49
C THR A 354 6.91 10.10 -29.67
N ALA A 355 7.95 10.38 -30.44
CA ALA A 355 7.77 11.36 -31.52
C ALA A 355 8.12 10.67 -32.83
N THR A 356 7.50 11.07 -33.94
CA THR A 356 7.92 10.50 -35.25
C THR A 356 9.36 10.96 -35.59
N PRO A 357 10.14 10.14 -36.32
CA PRO A 357 11.55 10.49 -36.70
C PRO A 357 11.81 11.89 -37.32
PA FAD B . 5.66 1.79 -0.81
O1A FAD B . 6.29 0.48 -0.47
O2A FAD B . 5.06 2.71 0.27
O5B FAD B . 6.72 2.66 -1.62
C5B FAD B . 6.52 4.07 -1.79
C4B FAD B . 7.87 4.77 -1.62
O4B FAD B . 7.66 6.16 -2.01
C3B FAD B . 8.34 4.73 -0.17
O3B FAD B . 9.78 4.55 -0.11
C2B FAD B . 7.91 6.10 0.31
O2B FAD B . 8.65 6.54 1.46
C1B FAD B . 8.14 6.98 -0.94
N9A FAD B . 7.44 8.27 -0.92
C8A FAD B . 6.22 8.54 -0.45
N7A FAD B . 5.89 9.81 -0.63
C5A FAD B . 6.95 10.38 -1.26
C6A FAD B . 7.29 11.73 -1.69
N6A FAD B . 6.42 12.72 -1.53
N1A FAD B . 8.44 11.94 -2.29
C2A FAD B . 9.34 10.93 -2.43
N3A FAD B . 9.12 9.67 -2.03
C4A FAD B . 7.93 9.37 -1.44
N1 FAD B . 1.60 -7.23 -0.51
C2 FAD B . 1.78 -8.48 -0.94
O2 FAD B . 1.97 -8.60 -2.18
N3 FAD B . 1.82 -9.52 -0.07
C4 FAD B . 1.67 -9.36 1.27
O4 FAD B . 1.70 -10.35 2.10
C4X FAD B . 1.49 -8.00 1.80
N5 FAD B . 1.31 -7.78 3.14
C5X FAD B . 1.23 -6.51 3.59
C6 FAD B . 1.11 -6.27 4.94
C7 FAD B . 1.00 -4.95 5.42
C7M FAD B . 0.92 -4.67 6.93
C8 FAD B . 0.89 -3.87 4.48
C8M FAD B . 0.69 -2.47 4.97
C9 FAD B . 0.96 -4.10 3.12
C9A FAD B . 1.09 -5.39 2.63
N10 FAD B . 1.16 -5.66 1.25
C10 FAD B . 1.44 -6.96 0.82
C1' FAD B . 0.92 -4.62 0.26
C2' FAD B . 1.83 -3.85 -0.59
O2' FAD B . 2.62 -4.78 -1.26
C3' FAD B . 2.59 -2.95 0.35
O3' FAD B . 1.69 -1.96 0.84
C4' FAD B . 3.71 -2.26 -0.43
O4' FAD B . 4.50 -1.53 0.53
C5' FAD B . 3.23 -1.36 -1.56
O5' FAD B . 4.41 -0.94 -2.28
P FAD B . 4.30 0.50 -3.05
O1P FAD B . 2.99 0.73 -3.68
O2P FAD B . 5.55 0.53 -3.85
O3P FAD B . 4.44 1.56 -1.84
C1 GOL C . -14.26 -0.87 11.86
O1 GOL C . -14.34 0.56 12.15
C2 GOL C . -13.58 -1.18 10.49
O2 GOL C . -13.46 -2.62 10.16
C3 GOL C . -12.22 -0.50 10.59
O3 GOL C . -11.47 -0.65 9.40
#